data_3D49
#
_entry.id   3D49
#
_cell.length_a   70.35
_cell.length_b   71.48
_cell.length_c   72.47
_cell.angle_alpha   90.00
_cell.angle_beta   100.39
_cell.angle_gamma   90.00
#
_symmetry.space_group_name_H-M   'C 1 2 1'
#
loop_
_entity.id
_entity.type
_entity.pdbx_description
1 polymer 'Thrombin light chain'
2 polymer 'Thrombin heavy chain'
3 polymer 'Hirudin variant-1'
4 non-polymer 'SODIUM ION'
5 non-polymer BENZAMIDINE
6 water water
#
loop_
_entity_poly.entity_id
_entity_poly.type
_entity_poly.pdbx_seq_one_letter_code
_entity_poly.pdbx_strand_id
1 'polypeptide(L)' TFGSGEADCGLRPLFEKKSLEDKTERELLESYIDGR L
2 'polypeptide(L)'
;IVEGSDAEIGMSPWQVMLFRKSPQELLCGASLISDRWVLTAAHCLLYPPWDKNFTENDLLVRIGKHSRTRYERNIEKISM
LEKIYIHPRYNWRENLDRDIALMKLKKPVAFSDYIHPVCLPDRETAASLLQAGYKGRVTGWGNLKETWTANVGKGQPSVL
QVVNLPIVERPVCKDSTRIRITDNMFCAGYKPDEGKRGDACEGDSGGPFVMKSPFNNRWYQMGIVSWGEGCDRDGKYGFY
THVFRLKKWIQKVIDQFGE
;
H
3 'polypeptide(L)' GDFEEIPEE(TYS)L I
#
loop_
_chem_comp.id
_chem_comp.type
_chem_comp.name
_chem_comp.formula
BEN non-polymer BENZAMIDINE 'C7 H8 N2'
NA non-polymer 'SODIUM ION' 'Na 1'
#
# COMPACT_ATOMS: atom_id res chain seq x y z
N GLU A 6 17.25 2.20 -0.71
CA GLU A 6 17.69 2.48 0.65
C GLU A 6 18.51 1.33 1.21
N ALA A 7 19.71 1.67 1.68
CA ALA A 7 20.66 0.67 2.16
C ALA A 7 20.03 -0.30 3.15
N ASP A 8 19.23 0.18 4.07
CA ASP A 8 18.62 -0.52 5.18
C ASP A 8 17.12 -0.76 4.99
N CYS A 9 16.67 -0.50 3.75
CA CYS A 9 15.26 -0.69 3.47
C CYS A 9 14.75 -2.09 3.79
N GLY A 10 13.47 -2.14 4.13
CA GLY A 10 12.81 -3.42 4.22
C GLY A 10 13.21 -4.25 5.42
N LEU A 11 13.96 -3.67 6.35
CA LEU A 11 14.35 -4.34 7.58
C LEU A 11 13.72 -3.60 8.75
N ARG A 12 12.76 -4.25 9.38
CA ARG A 12 11.99 -3.47 10.36
C ARG A 12 12.67 -3.39 11.72
N PRO A 13 12.74 -2.22 12.29
CA PRO A 13 13.39 -2.13 13.63
C PRO A 13 12.81 -3.10 14.62
N LEU A 14 11.53 -3.41 14.68
CA LEU A 14 10.95 -4.17 15.78
C LEU A 14 10.88 -5.64 15.42
N PHE A 15 11.42 -6.01 14.22
CA PHE A 15 11.33 -7.38 13.77
C PHE A 15 12.65 -7.83 13.21
N GLU A 16 12.93 -7.69 11.92
CA GLU A 16 14.22 -8.17 11.37
C GLU A 16 15.41 -7.62 12.14
N LYS A 17 15.40 -6.36 12.60
CA LYS A 17 16.61 -5.80 13.21
C LYS A 17 16.89 -6.44 14.57
N LYS A 18 15.90 -7.05 15.18
CA LYS A 18 15.95 -7.75 16.44
C LYS A 18 15.86 -9.26 16.28
N SER A 19 15.84 -9.79 15.07
CA SER A 19 15.56 -11.22 14.83
C SER A 19 14.31 -11.74 15.51
N LEU A 20 13.25 -10.91 15.47
CA LEU A 20 11.92 -11.27 15.92
C LEU A 20 11.00 -11.42 14.70
N GLU A 21 10.22 -12.48 14.67
CA GLU A 21 9.31 -12.69 13.56
C GLU A 21 7.91 -12.20 13.96
N ASP A 22 7.17 -11.70 12.97
CA ASP A 22 5.77 -11.35 13.25
C ASP A 22 4.91 -12.62 13.18
N LYS A 23 3.64 -12.52 13.57
CA LYS A 23 2.84 -13.74 13.74
C LYS A 23 2.43 -14.40 12.45
N THR A 24 2.52 -13.73 11.29
CA THR A 24 2.07 -14.42 10.09
C THR A 24 3.12 -14.39 8.97
N GLU A 25 4.33 -13.88 9.14
CA GLU A 25 5.28 -13.84 7.99
C GLU A 25 5.60 -15.24 7.50
N ARG A 26 5.49 -16.22 8.41
CA ARG A 26 5.87 -17.54 7.91
C ARG A 26 4.84 -18.11 6.94
N GLU A 27 3.58 -17.68 6.96
CA GLU A 27 2.62 -18.02 5.90
C GLU A 27 3.16 -17.60 4.53
N LEU A 28 3.80 -16.39 4.51
CA LEU A 28 4.36 -16.01 3.23
C LEU A 28 5.53 -16.90 2.80
N LEU A 29 6.49 -17.13 3.72
CA LEU A 29 7.64 -18.00 3.44
CA LEU A 29 7.65 -17.97 3.35
C LEU A 29 7.19 -19.33 2.84
N GLU A 30 6.18 -19.89 3.55
CA GLU A 30 5.76 -21.23 3.16
C GLU A 30 5.13 -21.28 1.77
N SER A 31 4.63 -20.12 1.29
CA SER A 31 4.07 -20.10 -0.08
C SER A 31 5.15 -19.97 -1.14
N TYR A 32 6.39 -19.67 -0.79
CA TYR A 32 7.45 -19.43 -1.77
C TYR A 32 8.15 -20.74 -2.06
N ILE A 33 7.41 -21.56 -2.78
CA ILE A 33 7.75 -22.97 -3.01
C ILE A 33 8.58 -23.11 -4.28
N ILE B 1 -9.54 -3.17 4.97
CA ILE B 1 -9.23 -4.58 4.74
C ILE B 1 -10.34 -5.47 5.27
N VAL B 2 -10.76 -6.42 4.47
CA VAL B 2 -11.82 -7.37 4.78
C VAL B 2 -11.22 -8.69 5.20
N GLU B 3 -11.61 -9.19 6.36
CA GLU B 3 -11.19 -10.47 6.87
C GLU B 3 -9.68 -10.55 7.12
N GLY B 4 -9.16 -9.40 7.51
CA GLY B 4 -7.80 -9.23 7.99
C GLY B 4 -7.73 -9.30 9.51
N SER B 5 -6.56 -9.01 10.07
CA SER B 5 -6.41 -8.91 11.53
C SER B 5 -5.73 -7.62 11.91
N ASP B 6 -5.71 -7.23 13.20
CA ASP B 6 -5.00 -6.05 13.63
C ASP B 6 -3.51 -6.22 13.42
N ALA B 7 -2.86 -5.17 12.92
CA ALA B 7 -1.41 -5.30 12.77
C ALA B 7 -0.76 -5.38 14.14
N GLU B 8 0.42 -5.98 14.23
CA GLU B 8 1.33 -5.79 15.36
C GLU B 8 1.98 -4.43 15.35
N ILE B 9 2.43 -3.91 16.50
CA ILE B 9 3.12 -2.64 16.50
C ILE B 9 4.40 -2.68 15.69
N GLY B 10 4.68 -1.73 14.82
CA GLY B 10 5.85 -1.75 13.97
C GLY B 10 5.86 -2.86 12.92
N MET B 11 4.76 -3.53 12.65
CA MET B 11 4.78 -4.58 11.61
C MET B 11 4.88 -4.04 10.18
N SER B 12 4.46 -2.80 9.98
CA SER B 12 4.44 -2.18 8.64
CA SER B 12 4.44 -2.17 8.67
C SER B 12 4.93 -0.75 8.78
N PRO B 13 6.19 -0.52 9.12
CA PRO B 13 6.70 0.82 9.45
C PRO B 13 6.85 1.76 8.27
N TRP B 14 6.57 1.19 7.06
CA TRP B 14 6.51 1.96 5.83
C TRP B 14 5.07 2.40 5.54
N GLN B 15 4.09 2.02 6.30
CA GLN B 15 2.70 2.42 5.99
C GLN B 15 2.50 3.91 6.19
N VAL B 16 1.83 4.51 5.22
CA VAL B 16 1.56 5.95 5.23
C VAL B 16 0.04 6.09 5.11
N MET B 17 -0.47 7.07 5.83
CA MET B 17 -1.89 7.45 5.70
C MET B 17 -1.95 8.79 4.97
N LEU B 18 -2.68 8.84 3.85
CA LEU B 18 -2.95 10.10 3.15
C LEU B 18 -4.21 10.71 3.79
N PHE B 19 -4.08 11.93 4.29
CA PHE B 19 -5.09 12.53 5.16
C PHE B 19 -5.56 13.86 4.54
N ARG B 20 -6.87 13.95 4.39
CA ARG B 20 -7.55 15.15 3.90
C ARG B 20 -7.51 16.20 5.01
N LYS B 21 -7.05 17.40 4.69
CA LYS B 21 -6.90 18.47 5.67
C LYS B 21 -8.23 19.07 6.13
N SER B 22 -9.18 19.16 5.21
CA SER B 22 -10.45 19.83 5.50
C SER B 22 -11.47 19.33 4.49
N PRO B 23 -12.44 18.52 4.91
CA PRO B 23 -12.56 18.00 6.27
C PRO B 23 -11.52 16.90 6.56
N GLN B 24 -11.02 16.87 7.79
CA GLN B 24 -10.06 15.81 8.12
C GLN B 24 -10.70 14.45 7.96
N GLU B 25 -10.06 13.60 7.15
CA GLU B 25 -10.50 12.24 6.95
C GLU B 25 -9.40 11.42 6.26
N LEU B 26 -9.47 10.13 6.43
CA LEU B 26 -8.62 9.23 5.63
C LEU B 26 -8.88 9.47 4.15
N LEU B 27 -7.88 9.60 3.29
CA LEU B 27 -8.13 9.62 1.85
C LEU B 27 -7.71 8.29 1.26
N CYS B 28 -6.52 7.84 1.67
CA CYS B 28 -5.93 6.68 1.04
C CYS B 28 -4.75 6.19 1.89
N GLY B 29 -4.26 5.02 1.50
CA GLY B 29 -2.99 4.47 1.95
C GLY B 29 -1.87 4.92 1.03
N ALA B 30 -0.64 4.57 1.41
CA ALA B 30 0.58 5.01 0.74
C ALA B 30 1.78 4.34 1.44
N SER B 31 2.96 4.54 0.88
CA SER B 31 4.07 3.83 1.52
C SER B 31 5.30 4.74 1.50
N LEU B 32 6.15 4.58 2.49
CA LEU B 32 7.41 5.29 2.56
C LEU B 32 8.54 4.56 1.86
N ILE B 33 9.16 5.20 0.86
CA ILE B 33 10.23 4.49 0.17
C ILE B 33 11.63 5.12 0.38
N SER B 34 11.61 6.25 1.07
CA SER B 34 12.86 6.91 1.50
C SER B 34 12.51 7.98 2.51
N ASP B 35 13.50 8.73 3.04
CA ASP B 35 13.10 9.72 4.02
C ASP B 35 12.35 10.89 3.40
N ARG B 36 12.22 11.02 2.08
CA ARG B 36 11.43 12.13 1.56
C ARG B 36 10.49 11.72 0.44
N TRP B 37 10.37 10.43 0.13
CA TRP B 37 9.48 10.07 -0.98
C TRP B 37 8.42 9.07 -0.51
N VAL B 38 7.19 9.29 -0.91
CA VAL B 38 6.01 8.51 -0.61
C VAL B 38 5.38 8.05 -1.94
N LEU B 39 5.04 6.77 -1.98
CA LEU B 39 4.44 6.05 -3.12
C LEU B 39 2.96 5.84 -2.85
N THR B 40 2.10 6.13 -3.85
CA THR B 40 0.68 5.86 -3.74
C THR B 40 0.06 5.53 -5.13
N ALA B 41 -1.24 5.37 -5.14
CA ALA B 41 -2.01 5.17 -6.39
C ALA B 41 -2.35 6.55 -6.96
N ALA B 42 -2.19 6.68 -8.27
CA ALA B 42 -2.63 7.90 -8.96
C ALA B 42 -4.09 8.20 -8.68
N HIS B 43 -4.98 7.25 -8.65
CA HIS B 43 -6.41 7.51 -8.48
C HIS B 43 -6.74 8.10 -7.12
N CYS B 44 -5.83 7.95 -6.15
CA CYS B 44 -6.04 8.60 -4.85
C CYS B 44 -5.98 10.10 -4.97
N LEU B 45 -5.29 10.59 -6.00
CA LEU B 45 -5.04 11.99 -6.15
C LEU B 45 -5.85 12.58 -7.31
N LEU B 46 -5.97 11.82 -8.39
CA LEU B 46 -6.60 12.27 -9.62
C LEU B 46 -7.57 11.26 -10.15
N TYR B 47 -8.86 11.56 -10.10
CA TYR B 47 -9.89 10.69 -10.67
C TYR B 47 -11.05 11.58 -11.10
N PRO B 48 -10.92 12.15 -12.29
CA PRO B 48 -11.99 13.03 -12.80
C PRO B 48 -13.36 12.45 -12.81
N PRO B 49 -13.69 11.21 -13.06
CA PRO B 49 -15.08 10.73 -13.01
C PRO B 49 -15.74 11.03 -11.67
N TRP B 50 -14.93 11.08 -10.61
CA TRP B 50 -15.49 11.40 -9.31
C TRP B 50 -15.14 12.80 -8.88
N ASP B 51 -14.79 13.71 -9.79
CA ASP B 51 -14.38 15.07 -9.47
C ASP B 51 -13.27 15.11 -8.42
N LYS B 52 -12.36 14.14 -8.53
CA LYS B 52 -11.25 14.15 -7.56
C LYS B 52 -10.01 14.65 -8.25
N ASN B 53 -9.32 15.63 -7.71
CA ASN B 53 -8.16 16.32 -8.20
C ASN B 53 -7.52 17.05 -7.04
N PHE B 54 -6.62 16.38 -6.30
CA PHE B 54 -6.04 17.07 -5.15
C PHE B 54 -4.73 17.73 -5.54
N THR B 55 -4.44 18.86 -4.90
CA THR B 55 -3.14 19.51 -5.03
C THR B 55 -2.39 19.30 -3.70
N GLU B 56 -1.13 19.60 -3.72
CA GLU B 56 -0.26 19.43 -2.54
C GLU B 56 -0.87 20.00 -1.27
N ASN B 57 -1.40 21.22 -1.38
CA ASN B 57 -1.82 21.91 -0.16
C ASN B 57 -3.11 21.37 0.41
N ASP B 58 -3.77 20.48 -0.32
CA ASP B 58 -4.98 19.83 0.12
C ASP B 58 -4.70 18.73 1.16
N LEU B 59 -3.45 18.32 1.30
CA LEU B 59 -3.14 17.06 1.97
C LEU B 59 -2.01 17.07 2.99
N LEU B 60 -2.07 16.05 3.86
CA LEU B 60 -0.98 15.69 4.77
C LEU B 60 -0.64 14.20 4.64
N VAL B 61 0.63 13.85 4.93
CA VAL B 61 0.96 12.43 5.03
CA VAL B 61 0.91 12.41 5.02
C VAL B 61 1.20 12.12 6.50
N ARG B 62 0.65 11.03 7.02
CA ARG B 62 0.86 10.70 8.43
C ARG B 62 1.59 9.34 8.48
N ILE B 63 2.75 9.34 9.11
CA ILE B 63 3.69 8.21 9.03
C ILE B 63 3.95 7.63 10.40
N GLY B 64 4.13 6.34 10.59
CA GLY B 64 4.37 5.84 11.92
C GLY B 64 3.09 5.45 12.61
N LYS B 65 1.92 5.46 11.94
CA LYS B 65 0.66 5.30 12.61
C LYS B 65 0.28 3.84 12.81
N HIS B 66 -0.58 3.67 13.80
CA HIS B 66 -1.26 2.44 14.11
C HIS B 66 -2.75 2.64 14.25
N SER B 67 -3.17 3.46 15.23
CA SER B 67 -4.58 3.79 15.37
CA SER B 67 -4.59 3.77 15.36
C SER B 67 -5.05 4.53 14.14
N ARG B 68 -6.26 4.26 13.67
CA ARG B 68 -6.80 5.02 12.53
C ARG B 68 -7.10 6.47 12.91
N THR B 69 -7.88 6.65 13.99
CA THR B 69 -8.45 7.97 14.24
C THR B 69 -7.61 8.80 15.20
N ARG B 70 -6.85 8.13 16.07
CA ARG B 70 -6.20 8.91 17.13
C ARG B 70 -5.00 9.68 16.62
N TYR B 71 -4.67 10.78 17.26
CA TYR B 71 -3.45 11.51 17.04
C TYR B 71 -2.37 10.84 17.91
N GLU B 72 -1.39 10.19 17.27
CA GLU B 72 -0.47 9.35 18.07
C GLU B 72 0.79 10.10 18.40
N ARG B 73 0.55 10.93 19.44
CA ARG B 73 1.57 11.72 20.05
C ARG B 73 2.84 10.92 20.41
N ASN B 74 3.94 11.50 19.97
CA ASN B 74 5.29 11.07 20.19
C ASN B 74 5.69 9.86 19.35
N ILE B 75 4.82 9.56 18.39
CA ILE B 75 5.00 8.36 17.56
CA ILE B 75 5.05 8.40 17.55
C ILE B 75 4.80 8.67 16.07
N GLU B 76 3.55 8.98 15.71
CA GLU B 76 3.40 9.38 14.30
C GLU B 76 4.13 10.68 14.00
N LYS B 77 4.45 10.87 12.72
CA LYS B 77 4.95 12.12 12.24
C LYS B 77 4.04 12.56 11.08
N ILE B 78 3.84 13.88 11.02
CA ILE B 78 2.94 14.42 10.00
C ILE B 78 3.71 15.31 9.05
N SER B 79 3.59 15.06 7.76
CA SER B 79 4.44 15.72 6.79
C SER B 79 3.59 16.40 5.70
N MET B 80 4.08 17.58 5.32
CA MET B 80 3.47 18.32 4.22
C MET B 80 4.12 17.97 2.90
N LEU B 81 3.31 18.09 1.82
CA LEU B 81 3.85 17.76 0.51
CA LEU B 81 3.89 17.74 0.53
C LEU B 81 4.50 18.92 -0.23
N GLU B 82 5.65 18.65 -0.84
CA GLU B 82 6.35 19.61 -1.69
C GLU B 82 5.84 19.47 -3.11
N LYS B 83 5.59 18.24 -3.61
CA LYS B 83 5.20 18.12 -5.01
C LYS B 83 4.59 16.75 -5.30
N ILE B 84 3.55 16.68 -6.09
CA ILE B 84 2.95 15.39 -6.47
C ILE B 84 3.38 15.08 -7.89
N TYR B 85 3.72 13.82 -8.19
CA TYR B 85 4.10 13.36 -9.51
C TYR B 85 3.18 12.19 -9.91
N ILE B 86 2.35 12.42 -10.93
CA ILE B 86 1.48 11.35 -11.42
C ILE B 86 2.06 10.79 -12.70
N HIS B 87 2.02 9.46 -12.86
CA HIS B 87 2.43 8.88 -14.11
C HIS B 87 1.74 9.55 -15.33
N PRO B 88 2.58 9.91 -16.29
CA PRO B 88 2.05 10.63 -17.47
C PRO B 88 1.09 9.81 -18.30
N ARG B 89 1.17 8.48 -18.25
CA ARG B 89 0.29 7.59 -18.96
C ARG B 89 -0.66 6.83 -18.04
N TYR B 90 -0.90 7.33 -16.83
CA TYR B 90 -2.02 6.87 -16.01
C TYR B 90 -3.35 6.95 -16.76
N ASN B 91 -4.02 5.82 -16.90
CA ASN B 91 -5.30 5.71 -17.62
C ASN B 91 -6.50 5.66 -16.70
N TRP B 92 -6.91 6.84 -16.24
CA TRP B 92 -8.12 7.04 -15.46
C TRP B 92 -9.39 6.87 -16.31
N ARG B 93 -9.22 7.01 -17.63
CA ARG B 93 -10.43 7.01 -18.47
C ARG B 93 -11.04 5.62 -18.55
N GLU B 94 -10.18 4.60 -18.54
CA GLU B 94 -10.62 3.23 -18.84
C GLU B 94 -10.45 2.23 -17.71
N ASN B 95 -9.20 1.86 -17.41
CA ASN B 95 -9.01 0.73 -16.51
C ASN B 95 -8.00 1.04 -15.41
N LEU B 96 -7.58 2.26 -15.23
CA LEU B 96 -6.59 2.66 -14.24
CA LEU B 96 -6.59 2.63 -14.21
C LEU B 96 -5.22 2.04 -14.50
N ASP B 97 -4.91 1.81 -15.77
CA ASP B 97 -3.55 1.35 -16.09
C ASP B 97 -2.49 2.35 -15.65
N ARG B 98 -1.36 1.88 -15.09
CA ARG B 98 -0.29 2.71 -14.57
C ARG B 98 -0.78 3.58 -13.41
N ASP B 99 -1.47 2.95 -12.47
CA ASP B 99 -2.08 3.67 -11.34
C ASP B 99 -1.02 3.90 -10.28
N ILE B 100 -0.22 4.93 -10.49
CA ILE B 100 0.91 5.13 -9.59
C ILE B 100 1.24 6.63 -9.49
N ALA B 101 1.66 7.12 -8.35
CA ALA B 101 2.00 8.49 -8.08
C ALA B 101 3.12 8.52 -7.04
N LEU B 102 4.02 9.49 -7.13
CA LEU B 102 4.93 9.82 -6.05
C LEU B 102 4.61 11.16 -5.39
N MET B 103 4.91 11.22 -4.10
CA MET B 103 4.75 12.49 -3.37
C MET B 103 6.12 12.81 -2.75
N LYS B 104 6.61 14.02 -2.97
CA LYS B 104 7.87 14.50 -2.42
C LYS B 104 7.56 15.28 -1.13
N LEU B 105 8.16 14.90 -0.01
CA LEU B 105 7.88 15.62 1.23
C LEU B 105 8.70 16.92 1.32
N LYS B 106 8.09 17.86 2.03
CA LYS B 106 8.73 19.16 2.23
C LYS B 106 10.04 19.03 3.00
N LYS B 107 10.03 18.12 3.98
CA LYS B 107 11.19 17.86 4.81
C LYS B 107 11.32 16.35 5.07
N PRO B 108 12.56 15.88 5.19
CA PRO B 108 12.75 14.46 5.51
C PRO B 108 12.12 14.10 6.84
N VAL B 109 11.59 12.88 6.89
CA VAL B 109 11.02 12.34 8.12
C VAL B 109 12.14 11.58 8.84
N ALA B 110 12.12 11.67 10.18
CA ALA B 110 13.11 10.91 10.92
C ALA B 110 12.64 9.46 11.10
N PHE B 111 13.58 8.54 10.85
CA PHE B 111 13.19 7.11 10.97
C PHE B 111 13.16 6.80 12.46
N SER B 112 12.40 5.80 12.83
CA SER B 112 12.26 5.39 14.20
C SER B 112 11.87 3.92 14.28
N ASP B 113 11.51 3.40 15.42
CA ASP B 113 11.01 2.05 15.53
C ASP B 113 9.76 1.84 14.68
N TYR B 114 9.03 2.92 14.40
CA TYR B 114 7.69 2.86 13.83
C TYR B 114 7.66 3.41 12.40
N ILE B 115 8.77 3.97 11.97
CA ILE B 115 8.92 4.66 10.69
C ILE B 115 10.16 4.18 9.97
N HIS B 116 9.99 3.42 8.86
CA HIS B 116 11.14 2.89 8.15
C HIS B 116 10.80 2.55 6.70
N PRO B 117 11.64 2.80 5.73
CA PRO B 117 11.21 2.61 4.33
C PRO B 117 11.18 1.13 3.93
N VAL B 118 10.32 0.85 2.97
CA VAL B 118 10.24 -0.46 2.32
C VAL B 118 11.17 -0.49 1.12
N CYS B 119 11.57 -1.66 0.64
CA CYS B 119 12.40 -1.70 -0.55
C CYS B 119 11.51 -1.77 -1.81
N LEU B 120 12.05 -1.23 -2.91
CA LEU B 120 11.37 -1.47 -4.18
C LEU B 120 12.10 -2.58 -4.91
N PRO B 121 11.38 -3.44 -5.63
CA PRO B 121 12.02 -4.57 -6.30
C PRO B 121 12.92 -4.21 -7.47
N ASP B 122 13.97 -5.02 -7.56
CA ASP B 122 14.84 -5.21 -8.69
C ASP B 122 14.21 -6.25 -9.57
N ARG B 123 14.65 -6.34 -10.84
CA ARG B 123 14.11 -7.30 -11.77
C ARG B 123 14.17 -8.72 -11.26
N GLU B 124 15.27 -9.06 -10.57
CA GLU B 124 15.46 -10.45 -10.17
C GLU B 124 14.51 -10.81 -9.03
N THR B 125 14.34 -9.92 -8.05
CA THR B 125 13.33 -10.21 -7.00
C THR B 125 11.92 -10.30 -7.59
N ALA B 126 11.55 -9.45 -8.52
CA ALA B 126 10.24 -9.49 -9.13
C ALA B 126 10.02 -10.79 -9.89
N ALA B 127 11.07 -11.21 -10.62
CA ALA B 127 10.92 -12.46 -11.35
C ALA B 127 10.69 -13.64 -10.41
N SER B 128 11.41 -13.60 -9.29
CA SER B 128 11.34 -14.73 -8.37
C SER B 128 10.05 -14.78 -7.58
N LEU B 129 9.61 -13.58 -7.19
CA LEU B 129 8.47 -13.54 -6.26
C LEU B 129 7.10 -13.37 -6.90
N LEU B 130 7.01 -12.81 -8.11
CA LEU B 130 5.67 -12.59 -8.66
C LEU B 130 5.17 -13.79 -9.43
N GLN B 131 4.78 -14.80 -8.68
CA GLN B 131 4.33 -16.08 -9.18
C GLN B 131 3.00 -16.47 -8.55
N ALA B 132 2.13 -17.06 -9.36
CA ALA B 132 0.87 -17.54 -8.85
C ALA B 132 1.02 -18.41 -7.63
N GLY B 133 0.22 -18.19 -6.59
CA GLY B 133 0.25 -18.95 -5.36
C GLY B 133 1.16 -18.31 -4.31
N TYR B 134 2.14 -17.52 -4.75
CA TYR B 134 3.01 -16.88 -3.76
C TYR B 134 2.22 -15.78 -3.05
N LYS B 135 2.36 -15.67 -1.74
CA LYS B 135 1.54 -14.73 -0.99
C LYS B 135 2.29 -13.43 -0.72
N GLY B 136 1.55 -12.33 -0.75
CA GLY B 136 1.97 -11.04 -0.27
C GLY B 136 1.04 -10.58 0.82
N ARG B 137 1.33 -9.38 1.30
CA ARG B 137 0.62 -8.84 2.46
C ARG B 137 0.12 -7.44 2.11
N VAL B 138 -1.14 -7.20 2.42
CA VAL B 138 -1.67 -5.83 2.18
CA VAL B 138 -1.74 -5.89 2.17
C VAL B 138 -2.17 -5.26 3.50
N THR B 139 -1.99 -3.96 3.67
CA THR B 139 -2.26 -3.34 4.97
C THR B 139 -3.03 -2.06 4.76
N GLY B 140 -3.90 -1.65 5.70
CA GLY B 140 -4.58 -0.36 5.42
C GLY B 140 -5.61 -0.04 6.52
N TRP B 141 -6.12 1.19 6.50
CA TRP B 141 -7.18 1.56 7.44
C TRP B 141 -8.55 1.64 6.77
N GLY B 142 -8.73 0.94 5.65
CA GLY B 142 -10.01 1.05 4.96
C GLY B 142 -11.11 0.22 5.55
N ASN B 143 -12.30 0.29 4.91
CA ASN B 143 -13.43 -0.49 5.36
C ASN B 143 -13.18 -1.94 5.66
N LEU B 144 -13.80 -2.41 6.74
CA LEU B 144 -13.81 -3.80 7.12
C LEU B 144 -14.80 -4.63 6.30
N LYS B 145 -15.64 -3.93 5.54
CA LYS B 145 -16.58 -4.68 4.70
C LYS B 145 -17.13 -3.75 3.63
N GLU B 146 -17.65 -4.34 2.55
CA GLU B 146 -18.24 -3.61 1.44
C GLU B 146 -19.45 -2.80 1.89
N GLY B 155 -17.66 -1.78 9.97
CA GLY B 155 -17.45 -0.36 9.80
C GLY B 155 -16.01 -0.04 9.44
N GLN B 156 -15.40 0.89 10.16
CA GLN B 156 -14.01 1.29 9.97
C GLN B 156 -13.20 0.81 11.17
N PRO B 157 -11.97 0.35 10.99
CA PRO B 157 -11.18 -0.25 12.07
C PRO B 157 -10.61 0.77 13.05
N SER B 158 -10.38 0.28 14.28
CA SER B 158 -9.73 1.14 15.26
CA SER B 158 -9.73 1.13 15.27
C SER B 158 -8.24 1.28 14.96
N VAL B 159 -7.64 0.21 14.39
CA VAL B 159 -6.22 0.19 14.10
C VAL B 159 -5.91 -0.43 12.73
N LEU B 160 -4.69 -0.19 12.28
CA LEU B 160 -4.24 -0.77 11.00
C LEU B 160 -4.51 -2.26 10.93
N GLN B 161 -5.01 -2.68 9.77
CA GLN B 161 -5.38 -4.05 9.45
C GLN B 161 -4.38 -4.68 8.46
N VAL B 162 -4.23 -5.98 8.58
CA VAL B 162 -3.26 -6.68 7.72
C VAL B 162 -3.92 -7.91 7.14
N VAL B 163 -3.65 -8.33 5.92
CA VAL B 163 -4.16 -9.59 5.38
C VAL B 163 -3.12 -10.14 4.41
N ASN B 164 -2.95 -11.48 4.40
CA ASN B 164 -2.00 -12.11 3.49
C ASN B 164 -2.79 -12.77 2.37
N LEU B 165 -2.40 -12.55 1.13
CA LEU B 165 -3.22 -12.96 0.00
C LEU B 165 -2.34 -13.54 -1.09
N PRO B 166 -2.72 -14.64 -1.74
CA PRO B 166 -1.92 -15.23 -2.82
C PRO B 166 -2.10 -14.55 -4.17
N ILE B 167 -1.02 -14.38 -4.90
CA ILE B 167 -1.07 -13.87 -6.27
C ILE B 167 -1.86 -14.88 -7.10
N VAL B 168 -2.66 -14.36 -8.03
CA VAL B 168 -3.48 -15.24 -8.89
C VAL B 168 -2.97 -15.29 -10.31
N GLU B 169 -3.18 -16.47 -10.93
CA GLU B 169 -2.77 -16.67 -12.31
C GLU B 169 -3.44 -15.69 -13.27
N ARG B 170 -2.69 -15.13 -14.21
CA ARG B 170 -3.19 -14.12 -15.12
C ARG B 170 -4.49 -14.54 -15.82
N PRO B 171 -4.74 -15.75 -16.28
CA PRO B 171 -6.01 -16.04 -16.96
C PRO B 171 -7.18 -16.01 -15.99
N VAL B 172 -6.98 -16.37 -14.73
CA VAL B 172 -8.01 -16.34 -13.71
C VAL B 172 -8.35 -14.87 -13.44
N CYS B 173 -7.31 -14.04 -13.32
CA CYS B 173 -7.52 -12.60 -13.17
C CYS B 173 -8.36 -12.05 -14.32
N LYS B 174 -7.94 -12.32 -15.55
CA LYS B 174 -8.69 -11.81 -16.71
C LYS B 174 -10.12 -12.34 -16.75
N ASP B 175 -10.33 -13.63 -16.47
CA ASP B 175 -11.67 -14.19 -16.59
C ASP B 175 -12.63 -13.80 -15.50
N SER B 176 -12.15 -13.06 -14.48
CA SER B 176 -12.96 -12.65 -13.34
C SER B 176 -13.64 -11.31 -13.58
N THR B 177 -13.30 -10.69 -14.72
CA THR B 177 -13.76 -9.30 -14.89
C THR B 177 -14.02 -9.01 -16.35
N ARG B 178 -14.85 -7.99 -16.59
CA ARG B 178 -15.03 -7.44 -17.92
C ARG B 178 -14.02 -6.35 -18.26
N ILE B 179 -13.28 -5.86 -17.26
CA ILE B 179 -12.26 -4.83 -17.49
C ILE B 179 -11.05 -5.36 -18.22
N ARG B 180 -10.46 -4.58 -19.13
CA ARG B 180 -9.21 -4.96 -19.80
C ARG B 180 -8.04 -4.91 -18.82
N ILE B 181 -7.40 -6.04 -18.59
CA ILE B 181 -6.28 -6.11 -17.65
C ILE B 181 -5.01 -5.86 -18.42
N THR B 182 -4.02 -5.19 -17.87
CA THR B 182 -2.76 -4.99 -18.53
C THR B 182 -1.60 -5.64 -17.77
N ASP B 183 -0.43 -5.56 -18.41
CA ASP B 183 0.82 -6.07 -17.90
C ASP B 183 1.24 -5.22 -16.70
N ASN B 184 0.65 -4.04 -16.56
CA ASN B 184 1.06 -3.17 -15.43
C ASN B 184 0.21 -3.45 -14.19
N MET B 185 -0.56 -4.52 -14.16
CA MET B 185 -1.41 -4.93 -13.07
C MET B 185 -1.15 -6.42 -12.79
N PHE B 186 -1.43 -6.76 -11.54
CA PHE B 186 -1.59 -8.16 -11.18
C PHE B 186 -2.74 -8.29 -10.20
N CYS B 187 -3.25 -9.53 -10.01
CA CYS B 187 -4.36 -9.64 -9.06
C CYS B 187 -4.00 -10.69 -7.99
N ALA B 188 -4.69 -10.56 -6.86
CA ALA B 188 -4.46 -11.39 -5.69
C ALA B 188 -5.73 -11.64 -4.89
N GLY B 189 -5.74 -12.79 -4.19
CA GLY B 189 -6.89 -13.18 -3.39
C GLY B 189 -7.16 -14.67 -3.54
N TYR B 190 -8.03 -15.17 -2.67
CA TYR B 190 -8.39 -16.58 -2.64
C TYR B 190 -9.53 -16.84 -3.63
N LYS B 191 -9.51 -18.06 -4.17
CA LYS B 191 -10.59 -18.48 -5.08
C LYS B 191 -11.73 -18.98 -4.20
N PRO B 192 -12.95 -18.97 -4.73
CA PRO B 192 -14.10 -19.43 -3.96
C PRO B 192 -13.85 -20.73 -3.23
N ASP B 193 -13.15 -21.71 -3.81
CA ASP B 193 -13.09 -22.95 -3.05
C ASP B 193 -11.81 -23.10 -2.24
N GLU B 194 -11.04 -22.02 -2.05
CA GLU B 194 -9.81 -22.19 -1.28
C GLU B 194 -10.09 -22.12 0.21
N GLY B 195 -11.33 -21.75 0.56
CA GLY B 195 -11.64 -21.71 1.99
C GLY B 195 -11.52 -20.28 2.49
N LYS B 196 -10.28 -19.85 2.70
CA LYS B 196 -9.92 -18.53 3.20
C LYS B 196 -10.41 -17.39 2.33
N ARG B 197 -10.51 -16.23 2.98
CA ARG B 197 -11.03 -14.99 2.47
C ARG B 197 -10.07 -13.82 2.62
N GLY B 198 -10.47 -12.65 2.16
CA GLY B 198 -9.69 -11.45 2.44
C GLY B 198 -9.55 -10.55 1.23
N ASP B 199 -9.51 -9.25 1.46
CA ASP B 199 -9.39 -8.32 0.34
C ASP B 199 -9.09 -6.93 0.85
N ALA B 200 -8.61 -6.04 -0.01
CA ALA B 200 -8.62 -4.62 0.23
C ALA B 200 -10.02 -4.04 0.07
N CYS B 201 -10.27 -2.87 0.67
CA CYS B 201 -11.59 -2.23 0.45
C CYS B 201 -11.45 -0.73 0.41
N GLU B 202 -12.54 0.06 0.39
CA GLU B 202 -12.41 1.51 0.27
CA GLU B 202 -12.37 1.51 0.24
C GLU B 202 -11.54 2.12 1.37
N GLY B 203 -10.59 2.96 1.02
CA GLY B 203 -9.75 3.53 2.08
C GLY B 203 -8.35 2.88 2.05
N ASP B 204 -8.34 1.64 1.53
CA ASP B 204 -7.04 0.95 1.44
C ASP B 204 -6.26 1.26 0.18
N SER B 205 -6.93 1.73 -0.87
CA SER B 205 -6.32 2.24 -2.07
C SER B 205 -5.01 2.95 -1.87
N GLY B 206 -3.98 2.67 -2.63
CA GLY B 206 -2.72 3.37 -2.62
C GLY B 206 -1.73 2.75 -1.61
N GLY B 207 -2.22 1.86 -0.78
CA GLY B 207 -1.33 1.22 0.19
C GLY B 207 -0.57 0.10 -0.50
N PRO B 208 0.40 -0.46 0.23
CA PRO B 208 1.32 -1.44 -0.35
C PRO B 208 0.88 -2.90 -0.28
N PHE B 209 1.26 -3.65 -1.31
CA PHE B 209 1.25 -5.10 -1.31
C PHE B 209 2.73 -5.50 -1.18
N VAL B 210 3.12 -6.15 -0.08
CA VAL B 210 4.53 -6.41 0.16
C VAL B 210 4.78 -7.92 0.26
N MET B 211 6.03 -8.26 -0.03
CA MET B 211 6.48 -9.66 0.04
C MET B 211 7.83 -9.69 0.74
N LYS B 212 8.12 -10.74 1.50
CA LYS B 212 9.41 -10.85 2.20
C LYS B 212 10.33 -11.76 1.41
N SER B 213 11.39 -11.17 0.87
CA SER B 213 12.28 -12.01 0.05
C SER B 213 12.95 -13.07 0.93
N PRO B 214 12.85 -14.33 0.45
CA PRO B 214 13.55 -15.41 1.19
C PRO B 214 15.04 -15.47 0.93
N PHE B 215 15.51 -14.64 -0.02
CA PHE B 215 16.94 -14.61 -0.36
C PHE B 215 17.70 -13.65 0.54
N ASN B 216 17.09 -12.51 0.89
CA ASN B 216 17.83 -11.55 1.72
C ASN B 216 17.05 -11.06 2.95
N ASN B 217 15.87 -11.66 3.16
CA ASN B 217 15.00 -11.40 4.29
C ASN B 217 14.58 -9.94 4.43
N ARG B 218 14.46 -9.24 3.31
CA ARG B 218 13.96 -7.87 3.29
C ARG B 218 12.56 -7.80 2.66
N TRP B 219 11.80 -6.82 3.16
CA TRP B 219 10.47 -6.61 2.57
C TRP B 219 10.56 -5.69 1.36
N TYR B 220 9.85 -6.16 0.32
CA TYR B 220 9.76 -5.47 -0.93
C TYR B 220 8.30 -5.12 -1.25
N GLN B 221 8.11 -3.88 -1.76
CA GLN B 221 6.75 -3.54 -2.20
C GLN B 221 6.55 -3.90 -3.65
N MET B 222 5.78 -4.93 -3.92
CA MET B 222 5.57 -5.41 -5.28
C MET B 222 4.33 -4.79 -5.93
N GLY B 223 3.37 -4.31 -5.12
CA GLY B 223 2.11 -3.84 -5.67
C GLY B 223 1.64 -2.61 -4.89
N ILE B 224 0.73 -1.89 -5.57
CA ILE B 224 -0.03 -0.84 -4.97
C ILE B 224 -1.50 -1.17 -5.04
N VAL B 225 -2.22 -1.05 -3.93
CA VAL B 225 -3.66 -1.31 -4.00
C VAL B 225 -4.30 -0.37 -5.01
N SER B 226 -4.92 -0.98 -6.05
CA SER B 226 -5.43 -0.12 -7.14
C SER B 226 -6.94 -0.20 -7.31
N TRP B 227 -7.50 -1.36 -7.61
CA TRP B 227 -8.96 -1.43 -7.81
C TRP B 227 -9.48 -2.83 -7.62
N GLY B 228 -10.81 -2.90 -7.40
CA GLY B 228 -11.51 -4.15 -7.19
C GLY B 228 -12.99 -3.79 -7.35
N GLU B 229 -13.77 -4.75 -7.76
CA GLU B 229 -15.22 -4.60 -7.93
CA GLU B 229 -15.22 -4.61 -7.94
C GLU B 229 -15.88 -5.09 -6.67
N GLY B 230 -16.27 -4.14 -5.80
CA GLY B 230 -16.77 -4.65 -4.53
C GLY B 230 -15.53 -5.00 -3.67
N CYS B 231 -15.75 -5.63 -2.53
CA CYS B 231 -14.67 -6.02 -1.62
C CYS B 231 -14.95 -7.46 -1.18
N ASP B 232 -13.95 -8.32 -1.33
CA ASP B 232 -14.03 -9.69 -0.87
C ASP B 232 -15.23 -10.45 -1.47
N ARG B 233 -15.54 -10.17 -2.73
CA ARG B 233 -16.63 -10.97 -3.32
C ARG B 233 -16.08 -12.29 -3.84
N ASP B 234 -16.83 -13.38 -3.72
CA ASP B 234 -16.39 -14.62 -4.35
C ASP B 234 -16.28 -14.43 -5.86
N GLY B 235 -15.16 -14.96 -6.35
CA GLY B 235 -14.90 -15.03 -7.78
C GLY B 235 -14.29 -13.75 -8.33
N LYS B 236 -14.15 -12.75 -7.48
CA LYS B 236 -13.54 -11.46 -7.75
CA LYS B 236 -13.51 -11.47 -7.79
C LYS B 236 -12.18 -11.40 -7.04
N TYR B 237 -11.29 -10.53 -7.55
CA TYR B 237 -9.95 -10.44 -7.01
C TYR B 237 -9.50 -9.00 -6.91
N GLY B 238 -8.56 -8.68 -6.00
CA GLY B 238 -8.13 -7.30 -5.99
C GLY B 238 -7.02 -7.11 -7.00
N PHE B 239 -6.98 -5.90 -7.61
CA PHE B 239 -5.97 -5.58 -8.59
C PHE B 239 -4.99 -4.56 -7.99
N TYR B 240 -3.75 -4.79 -8.34
CA TYR B 240 -2.60 -4.09 -7.82
C TYR B 240 -1.74 -3.58 -8.96
N THR B 241 -1.23 -2.38 -8.83
CA THR B 241 -0.25 -1.81 -9.75
C THR B 241 1.04 -2.59 -9.66
N HIS B 242 1.61 -2.97 -10.80
CA HIS B 242 2.84 -3.78 -10.76
C HIS B 242 4.02 -2.86 -10.63
N VAL B 243 4.57 -2.69 -9.41
CA VAL B 243 5.58 -1.66 -9.15
C VAL B 243 6.83 -1.88 -9.99
N PHE B 244 7.34 -3.08 -10.15
CA PHE B 244 8.56 -3.28 -10.95
C PHE B 244 8.38 -2.79 -12.39
N ARG B 245 7.21 -3.08 -12.96
CA ARG B 245 6.99 -2.69 -14.36
C ARG B 245 7.05 -1.19 -14.57
N LEU B 246 6.82 -0.38 -13.54
CA LEU B 246 6.81 1.07 -13.58
C LEU B 246 8.02 1.67 -12.90
N LYS B 247 9.04 0.85 -12.61
CA LYS B 247 10.21 1.32 -11.90
C LYS B 247 11.03 2.32 -12.70
N LYS B 248 11.07 2.19 -14.02
CA LYS B 248 11.83 3.20 -14.76
C LYS B 248 11.27 4.57 -14.46
N TRP B 249 9.94 4.66 -14.47
CA TRP B 249 9.33 5.98 -14.23
C TRP B 249 9.64 6.48 -12.84
N ILE B 250 9.53 5.58 -11.83
CA ILE B 250 9.88 5.98 -10.49
C ILE B 250 11.32 6.49 -10.38
N GLN B 251 12.23 5.75 -11.00
CA GLN B 251 13.64 6.12 -10.93
C GLN B 251 13.89 7.48 -11.58
N LYS B 252 13.28 7.66 -12.75
CA LYS B 252 13.44 8.90 -13.51
C LYS B 252 12.98 10.07 -12.66
N VAL B 253 11.84 9.98 -11.99
CA VAL B 253 11.34 11.07 -11.14
C VAL B 253 12.29 11.35 -9.99
N ILE B 254 12.71 10.27 -9.32
CA ILE B 254 13.58 10.49 -8.16
C ILE B 254 14.90 11.04 -8.65
N ASP B 255 15.36 10.56 -9.80
CA ASP B 255 16.63 11.07 -10.32
C ASP B 255 16.55 12.53 -10.74
N GLN B 256 15.45 12.91 -11.37
CA GLN B 256 15.26 14.24 -11.95
C GLN B 256 14.74 15.20 -10.91
N PHE B 257 14.15 14.64 -9.85
CA PHE B 257 13.73 15.49 -8.73
C PHE B 257 14.38 14.99 -7.45
N ASP C 2 -14.79 11.77 13.62
CA ASP C 2 -14.20 10.49 14.02
C ASP C 2 -12.71 10.67 14.29
N PHE C 3 -12.06 11.51 13.47
CA PHE C 3 -10.63 11.71 13.65
C PHE C 3 -10.31 12.67 14.77
N GLU C 4 -9.37 12.23 15.61
CA GLU C 4 -8.94 13.10 16.68
C GLU C 4 -8.28 14.31 16.01
N GLU C 5 -8.33 15.41 16.72
CA GLU C 5 -7.74 16.71 16.48
C GLU C 5 -6.25 16.62 16.22
N ILE C 6 -5.78 17.22 15.11
CA ILE C 6 -4.34 17.20 14.89
C ILE C 6 -3.78 18.59 15.22
N PRO C 7 -2.58 18.58 15.78
CA PRO C 7 -1.94 19.82 16.21
C PRO C 7 -1.98 20.88 15.13
N GLU C 8 -2.48 22.05 15.52
CA GLU C 8 -2.63 23.20 14.66
C GLU C 8 -1.41 23.47 13.80
N GLU C 9 -0.23 23.17 14.34
CA GLU C 9 0.97 23.46 13.55
C GLU C 9 0.98 22.67 12.25
N TYS C 10 0.19 21.59 12.10
CA TYS C 10 0.27 20.91 10.75
CB TYS C 10 0.13 19.39 10.92
CG TYS C 10 1.15 18.82 11.88
CD1 TYS C 10 2.53 18.81 11.55
CD2 TYS C 10 0.70 18.33 13.12
CE1 TYS C 10 3.48 18.27 12.44
CE2 TYS C 10 1.63 17.78 14.01
CZ TYS C 10 3.02 17.76 13.69
OH TYS C 10 3.91 17.24 14.59
S TYS C 10 4.28 15.74 14.41
O1 TYS C 10 5.12 15.63 13.16
O2 TYS C 10 5.20 15.52 15.50
O3 TYS C 10 3.06 15.00 14.40
C TYS C 10 -0.83 21.29 9.75
O TYS C 10 -0.55 21.13 8.59
NA NA D . -12.76 -12.56 -3.89
NA NA E . -12.56 -11.01 -18.87
C1 BEN F . -17.97 -11.05 -11.58
C1 BEN F . -17.86 -12.80 -12.02
C2 BEN F . -19.17 -10.71 -11.16
C2 BEN F . -16.80 -13.42 -11.57
C3 BEN F . -19.41 -9.40 -11.00
C3 BEN F . -16.69 -14.73 -11.84
C4 BEN F . -18.46 -8.40 -11.25
C4 BEN F . -17.69 -15.40 -12.58
C5 BEN F . -17.31 -8.73 -11.64
C5 BEN F . -18.69 -14.77 -13.00
C6 BEN F . -17.00 -10.03 -11.82
C6 BEN F . -18.88 -13.46 -12.77
C BEN F . -17.58 -12.49 -11.79
C BEN F . -18.04 -11.33 -11.74
N1 BEN F . -18.43 -13.49 -12.08
N1 BEN F . -17.02 -10.57 -11.29
N2 BEN F . -16.30 -12.85 -11.70
N2 BEN F . -19.19 -10.72 -11.93
#